data_9DUG
#
_entry.id   9DUG
#
_cell.length_a   42.801
_cell.length_b   49.228
_cell.length_c   94.916
_cell.angle_alpha   90.00
_cell.angle_beta   90.00
_cell.angle_gamma   90.00
#
_symmetry.space_group_name_H-M   'P 21 21 21'
#
loop_
_entity.id
_entity.type
_entity.pdbx_description
1 polymer 'Dephospho-CoA kinase'
2 non-polymer 'SULFATE ION'
3 water water
#
_entity_poly.entity_id   1
_entity_poly.type   'polypeptide(L)'
_entity_poly.pdbx_seq_one_letter_code
;MAHHHHHHMTYTVALTGGIGSGKSTVADEFAHLGVTVIDADIIARQVVEPGTPALLAIAERFGPQMINDDGSLNRRRLRE
RIFAHSEDKAWLNALLHPLIQQETRRQMQASTSPYLLWVVPLLVENRLTDKADRILVVDVPKETQIERTIRRDGVSREHA
EHILAAQATREQRLAAADDVIENMGSADAVASHVARLHDKYLMLASQAASQEKP
;
_entity_poly.pdbx_strand_id   A
#
loop_
_chem_comp.id
_chem_comp.type
_chem_comp.name
_chem_comp.formula
SO4 non-polymer 'SULFATE ION' 'O4 S -2'
#
# COMPACT_ATOMS: atom_id res chain seq x y z
N ALA A 2 -18.35 -2.86 22.28
CA ALA A 2 -17.05 -3.52 21.99
C ALA A 2 -16.74 -4.67 22.94
N HIS A 3 -15.76 -5.47 22.58
CA HIS A 3 -15.24 -6.55 23.40
C HIS A 3 -13.81 -6.23 23.79
N HIS A 4 -13.41 -6.68 24.98
CA HIS A 4 -12.06 -6.43 25.45
C HIS A 4 -11.05 -7.12 24.54
N HIS A 5 -9.97 -6.42 24.23
CA HIS A 5 -8.86 -6.97 23.49
C HIS A 5 -7.57 -6.37 24.06
N HIS A 6 -6.46 -7.05 23.78
CA HIS A 6 -5.15 -6.62 24.25
C HIS A 6 -4.31 -6.14 23.07
N HIS A 7 -3.55 -5.08 23.29
CA HIS A 7 -2.59 -4.63 22.30
C HIS A 7 -1.47 -5.66 22.18
N HIS A 8 -1.29 -6.22 20.98
CA HIS A 8 -0.26 -7.21 20.69
C HIS A 8 0.46 -6.81 19.42
N MET A 9 1.78 -6.91 19.41
CA MET A 9 2.54 -6.59 18.21
C MET A 9 2.72 -7.84 17.37
N THR A 10 2.67 -7.67 16.05
CA THR A 10 2.83 -8.75 15.09
C THR A 10 3.92 -8.39 14.10
N TYR A 11 4.80 -9.34 13.84
CA TYR A 11 5.85 -9.19 12.84
C TYR A 11 5.26 -8.78 11.51
N THR A 12 5.80 -7.70 10.95
CA THR A 12 5.23 -7.09 9.76
C THR A 12 6.23 -7.06 8.62
N VAL A 13 5.87 -7.64 7.50
CA VAL A 13 6.65 -7.57 6.27
C VAL A 13 5.95 -6.56 5.39
N ALA A 14 6.66 -5.50 5.01
CA ALA A 14 6.12 -4.54 4.07
C ALA A 14 6.48 -4.97 2.66
N LEU A 15 5.49 -5.02 1.79
CA LEU A 15 5.67 -5.29 0.39
C LEU A 15 5.54 -3.97 -0.35
N THR A 16 6.55 -3.62 -1.13
CA THR A 16 6.49 -2.42 -1.93
C THR A 16 7.03 -2.69 -3.32
N GLY A 17 6.86 -1.69 -4.18
CA GLY A 17 7.11 -1.84 -5.58
C GLY A 17 6.42 -0.72 -6.32
N GLY A 18 6.91 -0.34 -7.49
CA GLY A 18 6.28 0.73 -8.23
C GLY A 18 4.98 0.30 -8.88
N ILE A 19 4.27 1.29 -9.41
CA ILE A 19 3.04 1.02 -10.12
C ILE A 19 3.35 0.08 -11.27
N GLY A 20 2.53 -0.97 -11.41
CA GLY A 20 2.74 -1.92 -12.47
C GLY A 20 3.80 -2.96 -12.21
N SER A 21 4.26 -3.14 -10.98
CA SER A 21 5.33 -4.09 -10.69
C SER A 21 4.83 -5.46 -10.29
N GLY A 22 3.52 -5.65 -10.18
CA GLY A 22 2.96 -6.94 -9.80
C GLY A 22 2.73 -7.13 -8.32
N LYS A 23 2.66 -6.04 -7.55
CA LYS A 23 2.40 -6.17 -6.12
C LYS A 23 1.14 -6.97 -5.82
N SER A 24 0.05 -6.70 -6.55
N SER A 24 0.05 -6.69 -6.54
CA SER A 24 -1.21 -7.34 -6.23
CA SER A 24 -1.20 -7.36 -6.17
C SER A 24 -1.13 -8.86 -6.42
C SER A 24 -1.13 -8.87 -6.41
N THR A 25 -0.44 -9.30 -7.46
CA THR A 25 -0.28 -10.73 -7.70
CA THR A 25 -0.30 -10.73 -7.69
C THR A 25 0.52 -11.38 -6.58
N VAL A 26 1.56 -10.71 -6.11
CA VAL A 26 2.37 -11.28 -5.05
C VAL A 26 1.58 -11.32 -3.75
N ALA A 27 0.88 -10.23 -3.43
CA ALA A 27 0.10 -10.19 -2.21
C ALA A 27 -0.94 -11.30 -2.18
N ASP A 28 -1.56 -11.57 -3.34
CA ASP A 28 -2.56 -12.62 -3.42
C ASP A 28 -1.95 -14.00 -3.16
N GLU A 29 -0.68 -14.21 -3.53
CA GLU A 29 -0.05 -15.49 -3.23
C GLU A 29 0.19 -15.64 -1.73
N PHE A 30 0.56 -14.56 -1.04
CA PHE A 30 0.66 -14.62 0.41
C PHE A 30 -0.70 -14.90 1.04
N ALA A 31 -1.75 -14.25 0.54
CA ALA A 31 -3.08 -14.48 1.08
C ALA A 31 -3.54 -15.91 0.85
N HIS A 32 -3.16 -16.50 -0.29
CA HIS A 32 -3.48 -17.90 -0.55
C HIS A 32 -2.84 -18.82 0.49
N LEU A 33 -1.69 -18.43 1.04
CA LEU A 33 -1.04 -19.22 2.10
C LEU A 33 -1.58 -18.92 3.47
N GLY A 34 -2.63 -18.10 3.58
CA GLY A 34 -3.27 -17.84 4.84
C GLY A 34 -2.78 -16.62 5.59
N VAL A 35 -1.90 -15.84 5.00
CA VAL A 35 -1.35 -14.66 5.65
C VAL A 35 -2.33 -13.51 5.53
N THR A 36 -2.51 -12.77 6.60
CA THR A 36 -3.32 -11.55 6.53
C THR A 36 -2.58 -10.47 5.78
N VAL A 37 -3.26 -9.90 4.78
CA VAL A 37 -2.72 -8.82 3.95
C VAL A 37 -3.47 -7.54 4.27
N ILE A 38 -2.72 -6.49 4.58
CA ILE A 38 -3.28 -5.16 4.82
C ILE A 38 -2.72 -4.22 3.77
N ASP A 39 -3.59 -3.63 2.99
CA ASP A 39 -3.23 -2.91 1.76
C ASP A 39 -3.47 -1.42 1.98
N ALA A 40 -2.38 -0.63 1.92
CA ALA A 40 -2.47 0.81 2.14
C ALA A 40 -3.44 1.50 1.18
N ASP A 41 -3.56 1.02 -0.05
CA ASP A 41 -4.44 1.67 -1.00
C ASP A 41 -5.90 1.43 -0.63
N ILE A 42 -6.20 0.25 -0.09
CA ILE A 42 -7.55 -0.05 0.37
C ILE A 42 -7.89 0.80 1.57
N ILE A 43 -6.94 0.89 2.53
CA ILE A 43 -7.12 1.72 3.72
C ILE A 43 -7.36 3.15 3.32
N ALA A 44 -6.60 3.66 2.36
CA ALA A 44 -6.77 5.05 1.94
C ALA A 44 -8.20 5.32 1.48
N ARG A 45 -8.79 4.36 0.78
CA ARG A 45 -10.20 4.54 0.38
C ARG A 45 -11.13 4.38 1.58
N GLN A 46 -10.83 3.46 2.51
CA GLN A 46 -11.73 3.28 3.64
C GLN A 46 -11.81 4.54 4.50
N VAL A 47 -10.71 5.29 4.63
CA VAL A 47 -10.73 6.41 5.55
C VAL A 47 -11.46 7.63 4.98
N VAL A 48 -11.92 7.59 3.73
CA VAL A 48 -12.75 8.67 3.20
C VAL A 48 -14.14 8.17 2.78
N GLU A 49 -14.59 7.08 3.35
CA GLU A 49 -15.94 6.59 3.14
C GLU A 49 -16.95 7.50 3.82
N PRO A 50 -18.22 7.39 3.45
CA PRO A 50 -19.24 8.21 4.11
C PRO A 50 -19.21 8.02 5.61
N GLY A 51 -19.31 9.14 6.34
CA GLY A 51 -19.37 9.09 7.78
C GLY A 51 -18.03 9.05 8.47
N THR A 52 -16.92 9.06 7.72
CA THR A 52 -15.63 8.99 8.35
C THR A 52 -15.21 10.37 8.81
N PRO A 53 -14.35 10.42 9.82
CA PRO A 53 -13.78 11.71 10.25
C PRO A 53 -13.17 12.47 9.09
N ALA A 54 -12.44 11.80 8.21
CA ALA A 54 -11.81 12.53 7.11
C ALA A 54 -12.84 13.11 6.16
N LEU A 55 -13.86 12.35 5.78
CA LEU A 55 -14.83 12.90 4.83
C LEU A 55 -15.60 14.04 5.46
N LEU A 56 -15.92 13.91 6.76
CA LEU A 56 -16.64 14.97 7.46
C LEU A 56 -15.77 16.23 7.54
N ALA A 57 -14.46 16.04 7.71
CA ALA A 57 -13.56 17.19 7.73
C ALA A 57 -13.47 17.86 6.36
N ILE A 58 -13.44 17.04 5.29
CA ILE A 58 -13.43 17.57 3.93
C ILE A 58 -14.70 18.37 3.66
N ALA A 59 -15.85 17.85 4.09
CA ALA A 59 -17.09 18.57 3.88
C ALA A 59 -17.11 19.89 4.66
N GLU A 60 -16.58 19.90 5.87
CA GLU A 60 -16.55 21.16 6.62
C GLU A 60 -15.66 22.18 5.93
N ARG A 61 -14.48 21.75 5.48
CA ARG A 61 -13.52 22.71 4.94
C ARG A 61 -14.03 23.30 3.63
N PHE A 62 -14.52 22.46 2.72
CA PHE A 62 -14.84 22.91 1.38
C PHE A 62 -16.33 23.05 1.10
N GLY A 63 -17.17 22.53 1.97
CA GLY A 63 -18.58 22.59 1.79
C GLY A 63 -19.12 21.45 0.96
N PRO A 64 -20.41 21.49 0.69
CA PRO A 64 -21.08 20.33 0.05
C PRO A 64 -20.65 20.07 -1.38
N GLN A 65 -19.91 20.98 -2.02
CA GLN A 65 -19.44 20.71 -3.38
C GLN A 65 -18.52 19.49 -3.43
N MET A 66 -17.90 19.14 -2.32
CA MET A 66 -16.98 18.02 -2.31
C MET A 66 -17.67 16.69 -2.08
N ILE A 67 -18.97 16.70 -1.81
CA ILE A 67 -19.70 15.49 -1.46
C ILE A 67 -20.74 15.19 -2.53
N ASN A 68 -20.69 13.99 -3.11
CA ASN A 68 -21.69 13.60 -4.10
C ASN A 68 -23.09 13.46 -3.47
N ASP A 69 -24.11 13.41 -4.33
CA ASP A 69 -25.46 13.34 -3.81
C ASP A 69 -25.73 12.06 -3.04
N ASP A 70 -24.90 11.03 -3.22
CA ASP A 70 -25.08 9.78 -2.49
C ASP A 70 -24.25 9.74 -1.21
N GLY A 71 -23.58 10.84 -0.87
CA GLY A 71 -22.79 10.92 0.35
C GLY A 71 -21.32 10.60 0.18
N SER A 72 -20.89 10.14 -0.98
CA SER A 72 -19.51 9.78 -1.19
C SER A 72 -18.67 11.00 -1.56
N LEU A 73 -17.36 10.83 -1.47
CA LEU A 73 -16.42 11.86 -1.87
C LEU A 73 -16.46 12.11 -3.37
N ASN A 74 -16.55 13.39 -3.74
CA ASN A 74 -16.36 13.81 -5.13
C ASN A 74 -14.85 13.83 -5.38
N ARG A 75 -14.33 12.71 -5.85
CA ARG A 75 -12.88 12.54 -5.91
C ARG A 75 -12.25 13.49 -6.93
N ARG A 76 -12.91 13.68 -8.08
CA ARG A 76 -12.35 14.56 -9.09
C ARG A 76 -12.28 15.99 -8.57
N ARG A 77 -13.35 16.45 -7.93
CA ARG A 77 -13.33 17.83 -7.45
C ARG A 77 -12.27 18.02 -6.38
N LEU A 78 -12.07 17.02 -5.52
CA LEU A 78 -11.01 17.18 -4.53
C LEU A 78 -9.65 17.21 -5.20
N ARG A 79 -9.44 16.33 -6.19
CA ARG A 79 -8.17 16.32 -6.89
C ARG A 79 -7.88 17.66 -7.56
N GLU A 80 -8.89 18.23 -8.22
CA GLU A 80 -8.69 19.51 -8.88
C GLU A 80 -8.41 20.62 -7.87
N ARG A 81 -9.06 20.57 -6.72
CA ARG A 81 -8.85 21.61 -5.72
C ARG A 81 -7.45 21.54 -5.15
N ILE A 82 -6.99 20.34 -4.80
CA ILE A 82 -5.68 20.25 -4.16
C ILE A 82 -4.56 20.43 -5.19
N PHE A 83 -4.82 20.18 -6.47
CA PHE A 83 -3.84 20.56 -7.48
C PHE A 83 -3.59 22.05 -7.48
N ALA A 84 -4.66 22.83 -7.42
CA ALA A 84 -4.58 24.27 -7.63
C ALA A 84 -4.30 25.04 -6.34
N HIS A 85 -4.44 24.40 -5.19
CA HIS A 85 -4.29 25.03 -3.88
C HIS A 85 -3.29 24.23 -3.05
N SER A 86 -2.04 24.69 -3.02
CA SER A 86 -1.02 23.97 -2.28
C SER A 86 -1.35 23.90 -0.79
N GLU A 87 -2.02 24.92 -0.26
CA GLU A 87 -2.38 24.87 1.15
C GLU A 87 -3.39 23.76 1.42
N ASP A 88 -4.24 23.47 0.44
CA ASP A 88 -5.22 22.39 0.63
C ASP A 88 -4.59 21.03 0.49
N LYS A 89 -3.62 20.89 -0.43
CA LYS A 89 -2.88 19.63 -0.52
C LYS A 89 -2.17 19.34 0.80
N ALA A 90 -1.53 20.35 1.37
CA ALA A 90 -0.83 20.15 2.63
C ALA A 90 -1.79 19.78 3.74
N TRP A 91 -2.92 20.49 3.82
CA TRP A 91 -3.92 20.17 4.84
C TRP A 91 -4.43 18.73 4.68
N LEU A 92 -4.71 18.34 3.44
CA LEU A 92 -5.28 17.03 3.22
C LEU A 92 -4.27 15.93 3.57
N ASN A 93 -3.00 16.12 3.23
CA ASN A 93 -2.01 15.12 3.59
C ASN A 93 -1.85 15.04 5.10
N ALA A 94 -1.87 16.20 5.77
CA ALA A 94 -1.75 16.22 7.22
C ALA A 94 -2.94 15.56 7.90
N LEU A 95 -4.13 15.62 7.30
CA LEU A 95 -5.31 14.93 7.80
C LEU A 95 -5.25 13.43 7.52
N LEU A 96 -4.96 13.06 6.27
CA LEU A 96 -5.14 11.68 5.87
C LEU A 96 -4.03 10.78 6.34
N HIS A 97 -2.78 11.26 6.31
CA HIS A 97 -1.68 10.37 6.68
C HIS A 97 -1.86 9.79 8.08
N PRO A 98 -2.16 10.58 9.11
CA PRO A 98 -2.34 9.96 10.43
C PRO A 98 -3.55 9.06 10.50
N LEU A 99 -4.64 9.41 9.81
CA LEU A 99 -5.81 8.54 9.86
C LEU A 99 -5.53 7.22 9.15
N ILE A 100 -4.74 7.25 8.07
CA ILE A 100 -4.37 6.01 7.41
C ILE A 100 -3.48 5.17 8.32
N GLN A 101 -2.50 5.79 8.99
CA GLN A 101 -1.61 4.98 9.81
C GLN A 101 -2.35 4.42 11.02
N GLN A 102 -3.26 5.19 11.61
CA GLN A 102 -4.00 4.69 12.75
C GLN A 102 -4.98 3.59 12.33
N GLU A 103 -5.68 3.76 11.20
CA GLU A 103 -6.57 2.71 10.73
C GLU A 103 -5.79 1.44 10.36
N THR A 104 -4.60 1.61 9.78
CA THR A 104 -3.73 0.47 9.49
C THR A 104 -3.37 -0.26 10.79
N ARG A 105 -2.96 0.49 11.81
CA ARG A 105 -2.62 -0.15 13.07
C ARG A 105 -3.84 -0.82 13.70
N ARG A 106 -5.01 -0.21 13.58
CA ARG A 106 -6.23 -0.83 14.08
C ARG A 106 -6.47 -2.17 13.42
N GLN A 107 -6.36 -2.21 12.09
CA GLN A 107 -6.63 -3.44 11.39
C GLN A 107 -5.57 -4.49 11.66
N MET A 108 -4.33 -4.05 11.84
CA MET A 108 -3.26 -4.96 12.23
C MET A 108 -3.51 -5.55 13.60
N GLN A 109 -3.96 -4.73 14.54
CA GLN A 109 -4.28 -5.21 15.89
C GLN A 109 -5.46 -6.17 15.89
N ALA A 110 -6.42 -5.99 14.98
CA ALA A 110 -7.58 -6.87 14.93
C ALA A 110 -7.31 -8.16 14.17
N SER A 111 -6.14 -8.30 13.57
CA SER A 111 -5.81 -9.47 12.77
CA SER A 111 -5.82 -9.48 12.78
C SER A 111 -5.27 -10.59 13.66
N THR A 112 -5.35 -11.81 13.14
CA THR A 112 -4.76 -12.97 13.78
C THR A 112 -3.90 -13.65 12.72
N SER A 113 -2.60 -13.38 12.74
CA SER A 113 -1.72 -13.92 11.72
C SER A 113 -0.31 -13.99 12.30
N PRO A 114 0.47 -15.03 12.00
CA PRO A 114 1.81 -15.13 12.59
C PRO A 114 2.71 -13.97 12.16
N TYR A 115 2.53 -13.51 10.93
CA TYR A 115 3.08 -12.25 10.48
C TYR A 115 2.05 -11.62 9.55
N LEU A 116 2.23 -10.34 9.30
CA LEU A 116 1.32 -9.56 8.46
C LEU A 116 2.07 -9.16 7.21
N LEU A 117 1.37 -9.17 6.08
CA LEU A 117 1.89 -8.60 4.84
C LEU A 117 1.24 -7.24 4.65
N TRP A 118 2.04 -6.19 4.67
CA TRP A 118 1.57 -4.81 4.59
C TRP A 118 1.98 -4.26 3.23
N VAL A 119 1.01 -4.04 2.35
CA VAL A 119 1.30 -3.57 0.99
C VAL A 119 1.31 -2.05 1.00
N VAL A 120 2.47 -1.48 0.73
CA VAL A 120 2.67 -0.04 0.84
C VAL A 120 3.36 0.43 -0.43
N PRO A 121 2.60 0.87 -1.44
CA PRO A 121 3.21 1.27 -2.71
C PRO A 121 4.28 2.34 -2.55
N LEU A 122 4.13 3.25 -1.58
CA LEU A 122 5.00 4.39 -1.45
C LEU A 122 5.86 4.31 -0.19
N LEU A 123 6.23 3.10 0.19
CA LEU A 123 7.01 2.89 1.40
C LEU A 123 8.26 3.75 1.40
N VAL A 124 9.03 3.70 0.32
CA VAL A 124 10.30 4.41 0.25
C VAL A 124 10.07 5.90 0.09
N GLU A 125 9.16 6.26 -0.82
CA GLU A 125 8.91 7.67 -1.16
C GLU A 125 8.44 8.43 0.05
N ASN A 126 7.63 7.79 0.91
CA ASN A 126 7.05 8.40 2.09
C ASN A 126 7.87 8.14 3.36
N ARG A 127 9.05 7.53 3.22
CA ARG A 127 10.00 7.36 4.32
C ARG A 127 9.40 6.55 5.47
N LEU A 128 8.77 5.44 5.11
CA LEU A 128 8.08 4.58 6.07
C LEU A 128 8.85 3.28 6.30
N THR A 129 10.09 3.18 5.82
CA THR A 129 10.74 1.86 5.84
C THR A 129 10.98 1.38 7.27
N ASP A 130 11.15 2.31 8.21
CA ASP A 130 11.39 1.92 9.59
C ASP A 130 10.15 1.39 10.30
N LYS A 131 8.99 1.40 9.65
CA LYS A 131 7.75 0.97 10.28
C LYS A 131 7.48 -0.51 10.08
N ALA A 132 8.37 -1.22 9.41
CA ALA A 132 8.20 -2.64 9.16
C ALA A 132 9.39 -3.41 9.71
N ASP A 133 9.17 -4.67 10.04
CA ASP A 133 10.26 -5.53 10.47
C ASP A 133 11.13 -6.02 9.32
N ARG A 134 10.58 -6.08 8.12
CA ARG A 134 11.29 -6.59 6.97
C ARG A 134 10.65 -6.00 5.72
N ILE A 135 11.45 -5.77 4.69
CA ILE A 135 10.95 -5.13 3.47
C ILE A 135 11.16 -6.06 2.29
N LEU A 136 10.09 -6.31 1.57
CA LEU A 136 10.05 -7.13 0.36
C LEU A 136 9.73 -6.21 -0.81
N VAL A 137 10.60 -6.19 -1.82
CA VAL A 137 10.41 -5.38 -3.00
C VAL A 137 10.09 -6.28 -4.17
N VAL A 138 9.04 -5.95 -4.91
CA VAL A 138 8.72 -6.59 -6.19
CA VAL A 138 8.76 -6.60 -6.19
C VAL A 138 9.35 -5.71 -7.26
N ASP A 139 10.21 -6.30 -8.07
CA ASP A 139 11.05 -5.58 -9.01
C ASP A 139 10.75 -5.99 -10.44
N VAL A 140 10.59 -4.99 -11.30
CA VAL A 140 10.54 -5.17 -12.75
C VAL A 140 11.25 -4.00 -13.39
N PRO A 141 11.63 -4.13 -14.66
CA PRO A 141 12.20 -2.99 -15.38
C PRO A 141 11.18 -1.87 -15.51
N LYS A 142 11.68 -0.63 -15.60
CA LYS A 142 10.77 0.51 -15.71
C LYS A 142 9.93 0.40 -16.97
N GLU A 143 10.52 -0.08 -18.05
CA GLU A 143 9.75 -0.23 -19.29
C GLU A 143 8.58 -1.19 -19.09
N THR A 144 8.76 -2.19 -18.22
CA THR A 144 7.67 -3.11 -17.93
C THR A 144 6.57 -2.41 -17.14
N GLN A 145 6.94 -1.58 -16.16
CA GLN A 145 5.95 -0.77 -15.48
C GLN A 145 5.15 0.05 -16.47
N ILE A 146 5.81 0.67 -17.44
CA ILE A 146 5.10 1.49 -18.42
C ILE A 146 4.17 0.62 -19.25
N GLU A 147 4.70 -0.48 -19.79
CA GLU A 147 3.89 -1.36 -20.63
C GLU A 147 2.66 -1.86 -19.90
N ARG A 148 2.81 -2.22 -18.63
CA ARG A 148 1.69 -2.76 -17.88
C ARG A 148 0.68 -1.67 -17.53
N THR A 149 1.16 -0.47 -17.23
CA THR A 149 0.24 0.63 -16.94
C THR A 149 -0.56 1.01 -18.18
N ILE A 150 0.09 1.08 -19.33
CA ILE A 150 -0.62 1.44 -20.56
C ILE A 150 -1.74 0.45 -20.81
N ARG A 151 -1.43 -0.85 -20.79
CA ARG A 151 -2.41 -1.83 -21.22
C ARG A 151 -3.50 -2.06 -20.18
N ARG A 152 -3.24 -1.71 -18.93
CA ARG A 152 -4.11 -2.01 -17.80
C ARG A 152 -5.06 -0.85 -17.52
N ASP A 153 -4.55 0.37 -17.59
CA ASP A 153 -5.34 1.57 -17.35
C ASP A 153 -5.76 2.26 -18.63
N GLY A 154 -5.30 1.78 -19.79
CA GLY A 154 -5.65 2.40 -21.04
C GLY A 154 -5.28 3.86 -21.07
N VAL A 155 -3.99 4.15 -20.93
CA VAL A 155 -3.47 5.50 -20.93
C VAL A 155 -2.24 5.53 -21.83
N SER A 156 -1.77 6.75 -22.10
CA SER A 156 -0.63 6.94 -22.97
C SER A 156 0.67 6.66 -22.24
N ARG A 157 1.73 6.46 -23.03
CA ARG A 157 3.07 6.36 -22.46
C ARG A 157 3.39 7.59 -21.62
N GLU A 158 3.02 8.77 -22.11
CA GLU A 158 3.40 10.00 -21.42
C GLU A 158 2.68 10.11 -20.09
N HIS A 159 1.43 9.63 -20.04
CA HIS A 159 0.69 9.64 -18.78
C HIS A 159 1.30 8.65 -17.79
N ALA A 160 1.75 7.49 -18.29
CA ALA A 160 2.43 6.53 -17.43
C ALA A 160 3.72 7.12 -16.86
N GLU A 161 4.52 7.78 -17.71
CA GLU A 161 5.75 8.41 -17.25
C GLU A 161 5.45 9.50 -16.21
N HIS A 162 4.37 10.26 -16.41
CA HIS A 162 4.01 11.28 -15.43
C HIS A 162 3.78 10.65 -14.05
N ILE A 163 3.02 9.56 -14.01
CA ILE A 163 2.73 8.89 -12.75
C ILE A 163 4.02 8.41 -12.09
N LEU A 164 4.94 7.89 -12.89
CA LEU A 164 6.17 7.32 -12.36
C LEU A 164 7.20 8.37 -11.98
N ALA A 165 7.00 9.62 -12.41
CA ALA A 165 8.02 10.64 -12.22
C ALA A 165 8.19 11.04 -10.77
N ALA A 166 7.21 10.75 -9.94
CA ALA A 166 7.32 11.05 -8.52
C ALA A 166 7.72 9.83 -7.71
N GLN A 167 7.88 8.68 -8.33
CA GLN A 167 8.15 7.47 -7.56
C GLN A 167 9.65 7.23 -7.48
N ALA A 168 10.04 6.40 -6.52
CA ALA A 168 11.43 6.03 -6.35
C ALA A 168 11.97 5.37 -7.61
N THR A 169 13.25 5.57 -7.89
CA THR A 169 13.85 4.83 -8.97
C THR A 169 14.03 3.37 -8.56
N ARG A 170 14.25 2.52 -9.57
CA ARG A 170 14.33 1.09 -9.34
C ARG A 170 15.40 0.75 -8.30
N GLU A 171 16.60 1.31 -8.47
CA GLU A 171 17.71 0.98 -7.57
C GLU A 171 17.52 1.63 -6.21
N GLN A 172 16.87 2.80 -6.17
CA GLN A 172 16.53 3.43 -4.90
C GLN A 172 15.66 2.51 -4.07
N ARG A 173 14.72 1.84 -4.73
CA ARG A 173 13.80 0.98 -4.02
C ARG A 173 14.50 -0.30 -3.58
N LEU A 174 15.31 -0.88 -4.46
CA LEU A 174 16.10 -2.05 -4.10
C LEU A 174 17.06 -1.78 -2.96
N ALA A 175 17.49 -0.53 -2.80
CA ALA A 175 18.42 -0.18 -1.73
C ALA A 175 17.77 -0.32 -0.36
N ALA A 176 16.44 -0.32 -0.30
CA ALA A 176 15.70 -0.50 0.94
C ALA A 176 15.27 -1.94 1.19
N ALA A 177 15.47 -2.85 0.24
CA ALA A 177 14.92 -4.19 0.32
C ALA A 177 15.75 -5.09 1.22
N ASP A 178 15.04 -5.91 2.00
CA ASP A 178 15.64 -7.09 2.60
C ASP A 178 15.54 -8.30 1.68
N ASP A 179 14.39 -8.47 1.03
CA ASP A 179 14.13 -9.53 0.07
C ASP A 179 13.64 -8.90 -1.22
N VAL A 180 13.93 -9.55 -2.34
CA VAL A 180 13.54 -9.07 -3.65
C VAL A 180 12.94 -10.21 -4.45
N ILE A 181 11.77 -9.95 -5.04
CA ILE A 181 11.15 -10.82 -6.03
C ILE A 181 11.29 -10.17 -7.39
N GLU A 182 11.93 -10.87 -8.32
CA GLU A 182 11.98 -10.46 -9.73
C GLU A 182 10.67 -10.93 -10.36
N ASN A 183 9.74 -10.00 -10.54
CA ASN A 183 8.37 -10.35 -10.88
C ASN A 183 8.16 -10.47 -12.37
N MET A 184 9.17 -10.98 -13.08
CA MET A 184 9.05 -11.28 -14.50
CA MET A 184 9.04 -11.28 -14.49
C MET A 184 9.00 -12.78 -14.78
N GLY A 185 9.19 -13.61 -13.76
CA GLY A 185 9.12 -15.04 -13.98
C GLY A 185 7.74 -15.53 -14.39
N SER A 186 7.60 -16.84 -14.52
CA SER A 186 6.30 -17.44 -14.65
C SER A 186 5.52 -17.28 -13.34
N ALA A 187 4.21 -17.43 -13.42
CA ALA A 187 3.41 -17.36 -12.20
C ALA A 187 3.77 -18.47 -11.24
N ASP A 188 4.14 -19.65 -11.75
CA ASP A 188 4.58 -20.72 -10.86
C ASP A 188 5.87 -20.34 -10.16
N ALA A 189 6.79 -19.68 -10.88
CA ALA A 189 8.06 -19.30 -10.26
C ALA A 189 7.86 -18.24 -9.17
N VAL A 190 7.01 -17.26 -9.44
CA VAL A 190 6.71 -16.24 -8.43
C VAL A 190 6.04 -16.89 -7.23
N ALA A 191 5.11 -17.81 -7.48
CA ALA A 191 4.46 -18.50 -6.37
C ALA A 191 5.46 -19.30 -5.55
N SER A 192 6.48 -19.86 -6.22
CA SER A 192 7.53 -20.60 -5.50
C SER A 192 8.38 -19.66 -4.68
N HIS A 193 8.67 -18.48 -5.21
CA HIS A 193 9.43 -17.53 -4.40
C HIS A 193 8.63 -17.08 -3.18
N VAL A 194 7.32 -16.89 -3.34
CA VAL A 194 6.51 -16.53 -2.19
C VAL A 194 6.50 -17.66 -1.18
N ALA A 195 6.42 -18.91 -1.66
CA ALA A 195 6.45 -20.04 -0.74
C ALA A 195 7.74 -20.05 0.08
N ARG A 196 8.87 -19.77 -0.58
CA ARG A 196 10.14 -19.69 0.12
C ARG A 196 10.11 -18.59 1.17
N LEU A 197 9.64 -17.41 0.78
CA LEU A 197 9.66 -16.27 1.70
C LEU A 197 8.70 -16.50 2.85
N HIS A 198 7.55 -17.14 2.57
CA HIS A 198 6.57 -17.41 3.61
C HIS A 198 7.17 -18.30 4.68
N ASP A 199 7.87 -19.36 4.27
CA ASP A 199 8.54 -20.23 5.22
C ASP A 199 9.54 -19.44 6.05
N LYS A 200 10.34 -18.60 5.38
CA LYS A 200 11.34 -17.78 6.04
C LYS A 200 10.70 -16.86 7.07
N TYR A 201 9.59 -16.24 6.68
CA TYR A 201 8.92 -15.28 7.54
C TYR A 201 8.24 -15.96 8.72
N LEU A 202 7.65 -17.14 8.52
CA LEU A 202 7.09 -17.87 9.66
C LEU A 202 8.16 -18.13 10.70
N MET A 203 9.35 -18.49 10.26
CA MET A 203 10.44 -18.74 11.20
C MET A 203 10.88 -17.45 11.89
N LEU A 204 11.10 -16.39 11.12
CA LEU A 204 11.54 -15.14 11.73
C LEU A 204 10.51 -14.62 12.72
N ALA A 205 9.23 -14.77 12.39
CA ALA A 205 8.18 -14.26 13.27
C ALA A 205 8.03 -15.12 14.51
N SER A 206 8.35 -16.40 14.41
CA SER A 206 8.20 -17.31 15.54
C SER A 206 9.36 -17.26 16.52
N GLN A 207 10.56 -16.84 16.10
CA GLN A 207 11.63 -16.64 17.06
C GLN A 207 11.60 -15.24 17.67
N ALA A 208 10.80 -14.35 17.08
CA ALA A 208 10.59 -12.99 17.56
C ALA A 208 9.38 -12.86 18.47
N ALA A 209 8.48 -13.85 18.49
CA ALA A 209 7.38 -13.85 19.46
C ALA A 209 7.90 -13.72 20.87
N SER A 210 9.09 -14.26 21.12
CA SER A 210 9.77 -14.12 22.41
C SER A 210 9.73 -12.69 22.96
N GLN A 211 10.02 -11.72 22.10
CA GLN A 211 10.16 -10.33 22.51
C GLN A 211 8.86 -9.77 23.10
S SO4 B . 4.41 -8.68 -19.00
O1 SO4 B . 4.18 -7.20 -18.84
O2 SO4 B . 4.14 -9.37 -17.69
O3 SO4 B . 5.84 -8.91 -19.40
O4 SO4 B . 3.52 -9.23 -20.06
S SO4 C . 13.91 6.48 -13.23
O1 SO4 C . 14.49 7.68 -12.51
O2 SO4 C . 14.84 5.32 -13.06
O3 SO4 C . 12.57 6.15 -12.65
O4 SO4 C . 13.76 6.80 -14.70
S SO4 D . 17.83 -20.18 3.80
O1 SO4 D . 18.34 -20.76 5.08
O2 SO4 D . 18.96 -19.66 2.98
O3 SO4 D . 17.11 -21.25 3.03
O4 SO4 D . 16.87 -19.07 4.12
S SO4 E . 19.29 -11.45 5.49
O1 SO4 E . 20.28 -12.20 6.33
O2 SO4 E . 18.49 -12.46 4.74
O3 SO4 E . 18.44 -10.63 6.42
O4 SO4 E . 20.03 -10.56 4.56
S SO4 F . 16.42 -15.64 -2.03
O1 SO4 F . 17.42 -16.16 -1.03
O2 SO4 F . 15.63 -16.79 -2.58
O3 SO4 F . 15.51 -14.67 -1.36
O4 SO4 F . 17.16 -14.99 -3.16
S SO4 G . 0.86 -3.45 -9.19
O1 SO4 G . 2.18 -3.36 -8.56
O2 SO4 G . -0.10 -4.10 -8.25
O3 SO4 G . 0.38 -2.10 -9.57
O4 SO4 G . 0.94 -4.22 -10.47
#